data_5Y4Z
#
_entry.id   5Y4Z
#
_cell.length_a   53.754
_cell.length_b   68.779
_cell.length_c   56.971
_cell.angle_alpha   90.00
_cell.angle_beta   92.50
_cell.angle_gamma   90.00
#
_symmetry.space_group_name_H-M   'P 1 21 1'
#
loop_
_entity.id
_entity.type
_entity.pdbx_description
1 polymer 'NS3 helicase'
2 non-polymer 'PHOSPHOAMINOPHOSPHONIC ACID-ADENYLATE ESTER'
3 non-polymer 'MANGANESE (II) ION'
4 water water
#
_entity_poly.entity_id   1
_entity_poly.type   'polypeptide(L)'
_entity_poly.pdbx_seq_one_letter_code
;CFEPSMLKKKQLTVLDLHPGAGKTRRVLPEIVREAIKKRLRTVILAPTRVVAAEMEEALRGLPVRYMTTAVNVTHSGTEI
VDLMCHATFTSRLLQPIRVPNYNLNIMDEAHFTDPSSIAARGYISTRVEMGEAAAIFMTATPPGTRDAFPDSNSPIMDTE
VEVPERAWSSGFDWVTDHSGKTVWFVPSVRNGNEIAACLTKAGKRVIQLSRKTFETEFQKTKNQEWDFVITTDISEMGAN
FKADRVIDSRRCLKPVILDGERVILAGPMPVTHASAAQRRGRIGRNPNKPGDEYMYGGGCAETDEGHAHWLEARMLLDNI
YLQDGLIASLYRPEADKVAAIEGEFKLRTEQRKTFVELMKRGDLPVWLAYQVASAGITYTDRRWCFDGTTNNTIMEDSVP
AEVWTKYGEKRVLKPRWMDARVCSDHAALKSFKEFAAGKR
;
_entity_poly.pdbx_strand_id   A
#
loop_
_chem_comp.id
_chem_comp.type
_chem_comp.name
_chem_comp.formula
ANP non-polymer 'PHOSPHOAMINOPHOSPHONIC ACID-ADENYLATE ESTER' 'C10 H17 N6 O12 P3'
MN non-polymer 'MANGANESE (II) ION' 'Mn 2'
#
# COMPACT_ATOMS: atom_id res chain seq x y z
N CYS A 1 -6.80 9.77 -23.15
CA CYS A 1 -5.57 9.15 -23.64
C CYS A 1 -4.35 10.02 -23.30
N PHE A 2 -3.18 9.53 -23.70
CA PHE A 2 -1.94 10.27 -23.54
C PHE A 2 -1.70 11.21 -24.72
N GLU A 3 -1.21 12.40 -24.42
CA GLU A 3 -0.69 13.31 -25.43
C GLU A 3 0.68 13.81 -25.02
N PRO A 4 1.60 13.95 -25.97
CA PRO A 4 2.96 14.45 -25.71
C PRO A 4 2.98 15.77 -24.94
N SER A 5 1.87 16.51 -25.00
CA SER A 5 1.76 17.78 -24.30
C SER A 5 1.81 17.59 -22.78
N MET A 6 1.41 16.42 -22.32
CA MET A 6 1.44 16.08 -20.90
C MET A 6 2.85 15.97 -20.32
N LEU A 7 3.85 15.97 -21.20
CA LEU A 7 5.24 15.82 -20.76
C LEU A 7 5.89 17.15 -20.43
N LYS A 8 5.19 18.25 -20.71
CA LYS A 8 5.71 19.60 -20.47
C LYS A 8 5.86 19.89 -19.00
N LYS A 9 6.91 20.62 -18.62
CA LYS A 9 7.06 21.06 -17.22
C LYS A 9 5.83 21.82 -16.75
N LYS A 10 5.52 21.63 -15.46
CA LYS A 10 4.37 22.23 -14.74
C LYS A 10 3.07 21.49 -15.04
N GLN A 11 3.12 20.46 -15.87
CA GLN A 11 1.94 19.62 -16.12
C GLN A 11 1.82 18.45 -15.12
N LEU A 12 0.68 18.33 -14.45
CA LEU A 12 0.34 17.11 -13.73
C LEU A 12 -0.98 16.60 -14.28
N THR A 13 -0.95 15.40 -14.85
CA THR A 13 -2.11 14.79 -15.47
C THR A 13 -2.54 13.55 -14.71
N VAL A 14 -3.83 13.46 -14.41
CA VAL A 14 -4.38 12.24 -13.88
C VAL A 14 -5.04 11.45 -15.00
N LEU A 15 -4.40 10.37 -15.39
CA LEU A 15 -4.96 9.46 -16.38
C LEU A 15 -5.87 8.50 -15.64
N ASP A 16 -7.17 8.76 -15.73
CA ASP A 16 -8.17 8.06 -14.93
C ASP A 16 -9.13 7.23 -15.78
N LEU A 17 -8.60 6.53 -16.77
CA LEU A 17 -9.38 5.56 -17.51
C LEU A 17 -9.93 4.52 -16.54
N HIS A 18 -11.12 3.98 -16.84
CA HIS A 18 -11.75 2.98 -15.98
C HIS A 18 -10.86 1.73 -15.80
N PRO A 19 -11.12 0.92 -14.76
CA PRO A 19 -10.27 -0.27 -14.53
C PRO A 19 -10.24 -1.18 -15.75
N GLY A 20 -9.05 -1.70 -16.07
CA GLY A 20 -8.89 -2.59 -17.21
C GLY A 20 -8.75 -1.90 -18.56
N ALA A 21 -8.90 -0.58 -18.61
CA ALA A 21 -8.89 0.14 -19.88
C ALA A 21 -7.54 0.07 -20.61
N GLY A 22 -6.46 -0.19 -19.87
CA GLY A 22 -5.16 -0.40 -20.48
C GLY A 22 -4.09 0.60 -20.09
N LYS A 23 -4.27 1.25 -18.94
CA LYS A 23 -3.33 2.27 -18.48
C LYS A 23 -1.92 1.68 -18.30
N THR A 24 -1.82 0.57 -17.57
CA THR A 24 -0.51 -0.02 -17.25
C THR A 24 0.15 -0.72 -18.43
N ARG A 25 -0.62 -1.45 -19.24
CA ARG A 25 -0.06 -2.26 -20.33
C ARG A 25 0.01 -1.57 -21.69
N ARG A 26 -0.88 -0.62 -21.94
CA ARG A 26 -0.92 0.06 -23.24
C ARG A 26 -0.39 1.48 -23.18
N VAL A 27 -0.96 2.29 -22.27
CA VAL A 27 -0.64 3.70 -22.22
C VAL A 27 0.77 3.96 -21.66
N LEU A 28 1.17 3.21 -20.63
CA LEU A 28 2.50 3.40 -20.03
C LEU A 28 3.68 3.28 -21.04
N PRO A 29 3.74 2.20 -21.85
CA PRO A 29 4.85 2.15 -22.81
C PRO A 29 4.84 3.31 -23.81
N GLU A 30 3.64 3.77 -24.21
CA GLU A 30 3.53 4.92 -25.10
C GLU A 30 4.22 6.13 -24.50
N ILE A 31 3.90 6.41 -23.25
CA ILE A 31 4.47 7.52 -22.52
C ILE A 31 5.98 7.39 -22.44
N VAL A 32 6.45 6.18 -22.15
CA VAL A 32 7.87 5.96 -21.97
C VAL A 32 8.64 6.14 -23.28
N ARG A 33 8.08 5.67 -24.38
CA ARG A 33 8.74 5.84 -25.67
C ARG A 33 8.84 7.32 -26.02
N GLU A 34 7.77 8.06 -25.75
CA GLU A 34 7.77 9.49 -26.04
C GLU A 34 8.76 10.24 -25.15
N ALA A 35 8.89 9.81 -23.90
CA ALA A 35 9.82 10.45 -22.96
C ALA A 35 11.27 10.25 -23.40
N ILE A 36 11.56 9.05 -23.85
CA ILE A 36 12.89 8.69 -24.34
C ILE A 36 13.25 9.53 -25.57
N LYS A 37 12.29 9.67 -26.48
CA LYS A 37 12.47 10.49 -27.68
C LYS A 37 12.84 11.92 -27.29
N LYS A 38 12.21 12.40 -26.23
CA LYS A 38 12.41 13.78 -25.77
C LYS A 38 13.55 13.93 -24.78
N ARG A 39 14.30 12.84 -24.55
CA ARG A 39 15.45 12.87 -23.63
C ARG A 39 15.06 13.38 -22.25
N LEU A 40 13.88 12.94 -21.78
CA LEU A 40 13.41 13.27 -20.45
C LEU A 40 13.86 12.23 -19.44
N ARG A 41 14.61 12.66 -18.44
CA ARG A 41 14.95 11.80 -17.32
C ARG A 41 13.66 11.45 -16.60
N THR A 42 13.36 10.15 -16.55
CA THR A 42 12.02 9.70 -16.19
C THR A 42 12.09 8.64 -15.09
N VAL A 43 11.16 8.73 -14.15
CA VAL A 43 11.01 7.67 -13.17
C VAL A 43 9.60 7.10 -13.30
N ILE A 44 9.54 5.77 -13.30
CA ILE A 44 8.30 5.02 -13.26
C ILE A 44 8.19 4.40 -11.89
N LEU A 45 7.09 4.69 -11.20
CA LEU A 45 6.88 4.19 -9.85
C LEU A 45 5.80 3.11 -9.81
N ALA A 46 6.22 1.88 -9.51
CA ALA A 46 5.35 0.72 -9.39
C ALA A 46 4.93 0.51 -7.93
N PRO A 47 3.65 0.15 -7.68
CA PRO A 47 3.24 0.04 -6.27
C PRO A 47 3.92 -1.10 -5.53
N THR A 48 4.18 -2.22 -6.22
CA THR A 48 4.76 -3.42 -5.60
C THR A 48 5.81 -4.07 -6.51
N ARG A 49 6.61 -4.96 -5.93
CA ARG A 49 7.60 -5.72 -6.69
C ARG A 49 6.94 -6.62 -7.71
N VAL A 50 5.78 -7.18 -7.38
CA VAL A 50 5.05 -7.99 -8.33
C VAL A 50 4.71 -7.19 -9.57
N VAL A 51 4.17 -5.98 -9.38
CA VAL A 51 3.83 -5.13 -10.51
C VAL A 51 5.06 -4.68 -11.29
N ALA A 52 6.14 -4.35 -10.58
CA ALA A 52 7.39 -4.00 -11.24
C ALA A 52 7.82 -5.09 -12.22
N ALA A 53 7.73 -6.34 -11.79
CA ALA A 53 8.09 -7.49 -12.63
C ALA A 53 7.24 -7.55 -13.89
N GLU A 54 5.93 -7.34 -13.74
CA GLU A 54 5.02 -7.29 -14.89
C GLU A 54 5.31 -6.16 -15.85
N MET A 55 5.77 -5.03 -15.32
CA MET A 55 6.06 -3.87 -16.14
C MET A 55 7.23 -4.16 -17.07
N GLU A 56 8.17 -4.95 -16.59
CA GLU A 56 9.32 -5.31 -17.41
C GLU A 56 8.85 -6.00 -18.69
N GLU A 57 7.79 -6.80 -18.60
CA GLU A 57 7.22 -7.45 -19.77
C GLU A 57 6.64 -6.46 -20.77
N ALA A 58 5.81 -5.54 -20.29
CA ALA A 58 5.17 -4.55 -21.15
C ALA A 58 6.17 -3.52 -21.68
N LEU A 59 7.31 -3.38 -21.00
CA LEU A 59 8.29 -2.38 -21.37
C LEU A 59 9.49 -3.01 -22.08
N ARG A 60 9.41 -4.32 -22.33
CA ARG A 60 10.54 -5.07 -22.86
C ARG A 60 11.08 -4.47 -24.16
N GLY A 61 12.41 -4.46 -24.28
CA GLY A 61 13.05 -3.83 -25.41
C GLY A 61 13.50 -2.43 -25.07
N LEU A 62 12.58 -1.63 -24.53
CA LEU A 62 12.86 -0.25 -24.12
C LEU A 62 13.96 -0.17 -23.08
N PRO A 63 14.77 0.90 -23.13
CA PRO A 63 15.90 1.06 -22.21
C PRO A 63 15.47 1.61 -20.85
N VAL A 64 15.11 0.69 -19.96
CA VAL A 64 14.67 1.02 -18.60
C VAL A 64 15.61 0.40 -17.58
N ARG A 65 16.02 1.18 -16.60
CA ARG A 65 16.81 0.67 -15.49
C ARG A 65 15.88 0.26 -14.36
N TYR A 66 15.86 -1.03 -14.06
CA TYR A 66 14.99 -1.57 -13.02
C TYR A 66 15.72 -1.57 -11.70
N MET A 67 15.33 -0.67 -10.82
CA MET A 67 15.99 -0.50 -9.54
C MET A 67 15.30 -1.36 -8.49
N THR A 68 15.28 -2.66 -8.78
CA THR A 68 14.63 -3.68 -7.97
C THR A 68 15.22 -5.04 -8.28
N THR A 69 15.41 -5.90 -7.27
CA THR A 69 15.87 -7.26 -7.54
C THR A 69 14.72 -8.14 -8.02
N ALA A 70 13.52 -7.57 -8.12
CA ALA A 70 12.36 -8.31 -8.60
C ALA A 70 12.44 -8.56 -10.08
N VAL A 71 13.37 -7.88 -10.75
CA VAL A 71 13.54 -7.99 -12.20
C VAL A 71 14.95 -8.45 -12.53
N ASN A 72 15.04 -9.55 -13.28
CA ASN A 72 16.32 -10.13 -13.67
C ASN A 72 16.74 -9.75 -15.10
N VAL A 73 17.46 -8.64 -15.24
CA VAL A 73 17.95 -8.19 -16.53
C VAL A 73 19.33 -7.53 -16.41
N THR A 74 20.12 -7.67 -17.46
CA THR A 74 21.38 -6.93 -17.59
C THR A 74 21.09 -5.54 -18.13
N HIS A 75 21.48 -4.51 -17.40
CA HIS A 75 21.23 -3.16 -17.86
C HIS A 75 22.34 -2.67 -18.77
N SER A 76 22.01 -1.83 -19.72
CA SER A 76 23.05 -1.20 -20.50
C SER A 76 23.51 0.01 -19.77
N GLY A 77 23.69 1.06 -20.52
CA GLY A 77 24.00 2.33 -19.93
C GLY A 77 23.20 3.36 -20.63
N THR A 78 22.62 3.04 -21.78
CA THR A 78 21.70 4.00 -22.28
C THR A 78 20.93 4.58 -21.10
N GLU A 79 20.20 3.75 -20.37
CA GLU A 79 18.98 4.11 -19.68
C GLU A 79 18.88 5.46 -18.98
N ILE A 80 17.94 6.26 -19.42
CA ILE A 80 17.56 7.47 -18.74
C ILE A 80 16.15 7.36 -18.14
N VAL A 81 15.63 6.16 -18.16
CA VAL A 81 14.36 5.83 -17.52
C VAL A 81 14.63 4.86 -16.39
N ASP A 82 14.18 5.23 -15.19
CA ASP A 82 14.32 4.37 -14.02
C ASP A 82 12.96 3.86 -13.59
N LEU A 83 12.90 2.61 -13.13
CA LEU A 83 11.70 2.07 -12.54
C LEU A 83 12.01 1.57 -11.14
N MET A 84 11.20 2.00 -10.18
CA MET A 84 11.33 1.52 -8.82
C MET A 84 9.98 1.53 -8.14
N CYS A 85 9.91 0.90 -6.98
CA CYS A 85 8.68 0.89 -6.20
C CYS A 85 8.38 2.25 -5.57
N HIS A 86 7.11 2.55 -5.32
CA HIS A 86 6.74 3.79 -4.64
C HIS A 86 7.57 3.97 -3.37
N ALA A 87 7.64 2.91 -2.57
CA ALA A 87 8.32 2.98 -1.27
C ALA A 87 9.82 3.21 -1.43
N THR A 88 10.41 2.65 -2.47
CA THR A 88 11.83 2.84 -2.73
C THR A 88 12.15 4.30 -3.04
N PHE A 89 11.31 4.92 -3.84
CA PHE A 89 11.43 6.33 -4.17
C PHE A 89 11.44 7.17 -2.90
N THR A 90 10.41 7.02 -2.08
CA THR A 90 10.34 7.83 -0.86
C THR A 90 11.50 7.54 0.09
N SER A 91 11.89 6.27 0.19
CA SER A 91 12.99 5.90 1.07
C SER A 91 14.30 6.54 0.62
N ARG A 92 14.54 6.55 -0.67
CA ARG A 92 15.77 7.16 -1.19
C ARG A 92 15.76 8.66 -0.95
N LEU A 93 14.59 9.27 -1.00
CA LEU A 93 14.50 10.71 -0.77
C LEU A 93 14.81 11.05 0.67
N LEU A 94 14.50 10.15 1.59
CA LEU A 94 14.73 10.38 3.01
C LEU A 94 16.18 10.21 3.41
N GLN A 95 16.90 9.38 2.66
CA GLN A 95 18.31 9.09 2.93
C GLN A 95 19.24 10.05 2.23
N PRO A 96 20.52 10.08 2.63
CA PRO A 96 21.45 11.00 1.95
C PRO A 96 21.71 10.67 0.47
N ILE A 97 21.24 9.50 0.02
CA ILE A 97 21.32 9.06 -1.39
C ILE A 97 20.87 10.13 -2.38
N ARG A 98 21.61 10.29 -3.47
CA ARG A 98 21.21 11.16 -4.57
C ARG A 98 20.10 10.52 -5.38
N VAL A 99 19.01 11.25 -5.54
CA VAL A 99 18.01 10.84 -6.50
C VAL A 99 17.91 11.98 -7.49
N PRO A 100 17.91 11.63 -8.78
CA PRO A 100 17.81 12.59 -9.88
C PRO A 100 16.60 13.49 -9.73
N ASN A 101 16.72 14.70 -10.25
CA ASN A 101 15.61 15.62 -10.31
C ASN A 101 14.76 15.27 -11.51
N TYR A 102 14.00 14.17 -11.44
CA TYR A 102 13.35 13.62 -12.64
C TYR A 102 12.48 14.64 -13.35
N ASN A 103 12.69 14.75 -14.67
CA ASN A 103 11.90 15.64 -15.52
C ASN A 103 10.46 15.15 -15.63
N LEU A 104 10.30 13.83 -15.61
CA LEU A 104 8.99 13.22 -15.75
C LEU A 104 8.84 12.17 -14.67
N ASN A 105 7.71 12.22 -13.96
CA ASN A 105 7.40 11.33 -12.86
C ASN A 105 6.11 10.59 -13.16
N ILE A 106 6.19 9.29 -13.42
CA ILE A 106 5.01 8.49 -13.73
C ILE A 106 4.70 7.60 -12.54
N MET A 107 3.56 7.79 -11.90
CA MET A 107 3.16 6.90 -10.82
C MET A 107 2.02 6.03 -11.27
N ASP A 108 2.26 4.73 -11.32
CA ASP A 108 1.16 3.84 -11.62
C ASP A 108 0.49 3.41 -10.33
N GLU A 109 -0.80 3.08 -10.43
CA GLU A 109 -1.67 2.82 -9.28
C GLU A 109 -1.50 3.91 -8.23
N ALA A 110 -1.75 5.14 -8.68
CA ALA A 110 -1.51 6.32 -7.87
C ALA A 110 -2.58 6.54 -6.82
N HIS A 111 -3.49 5.57 -6.69
CA HIS A 111 -4.48 5.60 -5.60
C HIS A 111 -3.93 4.95 -4.33
N PHE A 112 -2.76 4.33 -4.41
CA PHE A 112 -2.20 3.58 -3.28
C PHE A 112 -2.10 4.48 -2.04
N THR A 113 -2.65 4.02 -0.91
CA THR A 113 -2.77 4.88 0.27
C THR A 113 -1.70 4.57 1.32
N ASP A 114 -0.68 3.79 0.94
CA ASP A 114 0.46 3.58 1.81
C ASP A 114 1.11 4.94 2.10
N PRO A 115 1.61 5.17 3.33
CA PRO A 115 2.22 6.47 3.63
C PRO A 115 3.30 6.89 2.65
N SER A 116 4.14 5.95 2.21
CA SER A 116 5.24 6.33 1.30
C SER A 116 4.71 6.72 -0.07
N SER A 117 3.56 6.19 -0.49
CA SER A 117 2.94 6.55 -1.76
C SER A 117 2.29 7.94 -1.65
N ILE A 118 1.59 8.17 -0.55
CA ILE A 118 1.01 9.49 -0.33
C ILE A 118 2.14 10.54 -0.30
N ALA A 119 3.22 10.24 0.41
CA ALA A 119 4.31 11.20 0.51
C ALA A 119 4.94 11.43 -0.86
N ALA A 120 5.11 10.36 -1.64
CA ALA A 120 5.67 10.50 -2.99
C ALA A 120 4.80 11.42 -3.84
N ARG A 121 3.48 11.26 -3.77
CA ARG A 121 2.59 12.14 -4.53
C ARG A 121 2.73 13.60 -4.11
N GLY A 122 2.94 13.83 -2.81
CA GLY A 122 3.10 15.18 -2.30
C GLY A 122 4.38 15.82 -2.83
N TYR A 123 5.47 15.06 -2.76
CA TYR A 123 6.76 15.51 -3.27
C TYR A 123 6.68 15.81 -4.75
N ILE A 124 6.14 14.86 -5.52
CA ILE A 124 6.09 15.00 -6.95
C ILE A 124 5.20 16.19 -7.36
N SER A 125 4.02 16.30 -6.76
CA SER A 125 3.09 17.38 -7.12
C SER A 125 3.66 18.74 -6.72
N THR A 126 4.47 18.78 -5.67
CA THR A 126 5.13 20.03 -5.30
C THR A 126 6.21 20.39 -6.32
N ARG A 127 7.03 19.42 -6.73
CA ARG A 127 8.02 19.66 -7.79
C ARG A 127 7.38 20.20 -9.06
N VAL A 128 6.23 19.64 -9.45
CA VAL A 128 5.57 20.14 -10.65
C VAL A 128 5.08 21.56 -10.40
N GLU A 129 4.54 21.85 -9.22
CA GLU A 129 4.00 23.18 -8.97
C GLU A 129 5.10 24.22 -8.93
N MET A 130 6.29 23.81 -8.50
CA MET A 130 7.47 24.66 -8.53
C MET A 130 7.92 24.95 -9.96
N GLY A 131 7.45 24.15 -10.92
CA GLY A 131 7.77 24.36 -12.32
C GLY A 131 8.95 23.52 -12.79
N GLU A 132 9.33 22.57 -11.95
CA GLU A 132 10.54 21.79 -12.11
C GLU A 132 10.36 20.54 -12.96
N ALA A 133 9.13 20.02 -13.01
CA ALA A 133 8.89 18.69 -13.52
C ALA A 133 7.48 18.53 -14.06
N ALA A 134 7.27 17.41 -14.75
CA ALA A 134 5.94 16.96 -15.16
C ALA A 134 5.63 15.67 -14.41
N ALA A 135 4.34 15.38 -14.27
CA ALA A 135 3.94 14.16 -13.60
C ALA A 135 2.69 13.57 -14.23
N ILE A 136 2.65 12.25 -14.29
CA ILE A 136 1.43 11.55 -14.69
C ILE A 136 1.07 10.57 -13.59
N PHE A 137 -0.12 10.74 -13.01
CA PHE A 137 -0.63 9.82 -12.00
C PHE A 137 -1.63 8.92 -12.69
N MET A 138 -1.34 7.63 -12.76
CA MET A 138 -2.23 6.70 -13.44
C MET A 138 -3.05 5.94 -12.41
N THR A 139 -4.36 6.14 -12.42
CA THR A 139 -5.24 5.37 -11.56
C THR A 139 -6.68 5.45 -12.04
N ALA A 140 -7.39 4.33 -12.00
CA ALA A 140 -8.82 4.36 -12.30
C ALA A 140 -9.63 5.13 -11.25
N THR A 141 -9.05 5.35 -10.07
CA THR A 141 -9.78 5.93 -8.95
C THR A 141 -8.99 7.04 -8.28
N PRO A 142 -9.02 8.24 -8.86
CA PRO A 142 -8.28 9.33 -8.22
C PRO A 142 -8.87 9.74 -6.87
N PRO A 143 -8.06 10.40 -6.01
CA PRO A 143 -8.52 10.83 -4.69
C PRO A 143 -9.86 11.56 -4.75
N GLY A 144 -10.81 11.11 -3.93
CA GLY A 144 -12.10 11.77 -3.84
C GLY A 144 -13.16 11.23 -4.78
N THR A 145 -12.82 10.17 -5.51
CA THR A 145 -13.80 9.48 -6.35
C THR A 145 -15.04 9.12 -5.53
N ARG A 146 -16.22 9.30 -6.12
CA ARG A 146 -17.46 8.93 -5.45
C ARG A 146 -18.16 7.81 -6.19
N ASP A 147 -17.49 7.25 -7.19
CA ASP A 147 -18.09 6.23 -8.03
C ASP A 147 -17.51 4.84 -7.74
N ALA A 148 -18.29 4.03 -7.03
CA ALA A 148 -17.86 2.67 -6.70
C ALA A 148 -18.11 1.68 -7.84
N PHE A 149 -18.87 2.09 -8.86
CA PHE A 149 -19.22 1.18 -9.97
C PHE A 149 -18.86 1.75 -11.34
N PRO A 150 -17.56 2.00 -11.59
CA PRO A 150 -17.14 2.58 -12.87
C PRO A 150 -17.29 1.60 -14.03
N ASP A 151 -17.03 2.08 -15.24
CA ASP A 151 -17.07 1.23 -16.42
C ASP A 151 -16.07 0.08 -16.32
N SER A 152 -16.32 -0.95 -17.12
CA SER A 152 -15.47 -2.12 -17.13
C SER A 152 -15.42 -2.63 -18.57
N ASN A 153 -14.47 -3.51 -18.86
CA ASN A 153 -14.32 -4.04 -20.22
C ASN A 153 -15.49 -4.93 -20.63
N SER A 154 -16.11 -5.59 -19.65
CA SER A 154 -17.34 -6.33 -19.91
C SER A 154 -18.31 -6.15 -18.74
N PRO A 155 -19.61 -6.31 -19.00
CA PRO A 155 -20.62 -6.09 -17.97
C PRO A 155 -20.40 -6.91 -16.71
N ILE A 156 -20.59 -6.27 -15.56
CA ILE A 156 -20.45 -6.92 -14.26
C ILE A 156 -21.82 -7.09 -13.60
N MET A 157 -22.05 -8.24 -12.94
CA MET A 157 -23.28 -8.44 -12.17
C MET A 157 -23.04 -7.96 -10.75
N ASP A 158 -23.58 -6.81 -10.39
CA ASP A 158 -23.44 -6.25 -9.05
C ASP A 158 -24.57 -6.69 -8.14
N THR A 159 -24.25 -7.26 -6.99
CA THR A 159 -25.29 -7.70 -6.06
C THR A 159 -24.96 -7.33 -4.62
N GLU A 160 -25.84 -6.55 -4.00
CA GLU A 160 -25.72 -6.25 -2.57
C GLU A 160 -26.24 -7.45 -1.81
N VAL A 161 -25.41 -7.98 -0.92
CA VAL A 161 -25.75 -9.21 -0.18
C VAL A 161 -24.97 -9.27 1.13
N GLU A 162 -25.54 -9.92 2.14
CA GLU A 162 -24.83 -10.11 3.40
C GLU A 162 -23.67 -11.07 3.15
N VAL A 163 -22.47 -10.60 3.48
CA VAL A 163 -21.25 -11.38 3.29
C VAL A 163 -20.74 -11.85 4.65
N PRO A 164 -20.45 -13.15 4.79
CA PRO A 164 -19.95 -13.57 6.10
C PRO A 164 -18.59 -12.96 6.42
N GLU A 165 -18.40 -12.64 7.71
CA GLU A 165 -17.14 -12.13 8.22
C GLU A 165 -16.63 -13.06 9.31
N ARG A 166 -17.35 -14.16 9.52
CA ARG A 166 -16.98 -15.18 10.51
C ARG A 166 -17.25 -16.54 9.89
N ALA A 167 -16.75 -17.60 10.50
CA ALA A 167 -17.10 -18.95 10.06
C ALA A 167 -18.61 -19.12 10.03
N TRP A 168 -19.11 -19.82 9.02
CA TRP A 168 -20.55 -20.03 8.84
C TRP A 168 -20.81 -21.49 8.49
N SER A 169 -22.07 -21.91 8.64
CA SER A 169 -22.44 -23.30 8.38
C SER A 169 -23.70 -23.40 7.52
N SER A 170 -24.51 -22.36 7.57
CA SER A 170 -25.74 -22.33 6.81
C SER A 170 -26.10 -20.89 6.47
N GLY A 171 -26.95 -20.70 5.47
CA GLY A 171 -27.42 -19.37 5.15
C GLY A 171 -26.61 -18.62 4.12
N PHE A 172 -25.50 -19.20 3.68
CA PHE A 172 -24.62 -18.58 2.68
C PHE A 172 -24.24 -19.56 1.57
N ASP A 173 -25.21 -20.35 1.12
CA ASP A 173 -24.94 -21.38 0.13
C ASP A 173 -24.34 -20.80 -1.15
N TRP A 174 -24.73 -19.58 -1.51
CA TRP A 174 -24.22 -18.94 -2.72
C TRP A 174 -22.70 -18.80 -2.71
N VAL A 175 -22.10 -18.78 -1.53
CA VAL A 175 -20.65 -18.62 -1.45
C VAL A 175 -19.96 -19.87 -1.96
N THR A 176 -20.41 -21.02 -1.48
CA THR A 176 -19.73 -22.27 -1.76
C THR A 176 -20.27 -23.01 -2.99
N ASP A 177 -21.47 -22.66 -3.42
CA ASP A 177 -22.09 -23.33 -4.59
C ASP A 177 -21.44 -22.89 -5.91
N HIS A 178 -20.67 -21.81 -5.84
CA HIS A 178 -20.03 -21.24 -7.01
C HIS A 178 -18.97 -22.18 -7.56
N SER A 179 -18.91 -22.27 -8.89
CA SER A 179 -18.07 -23.22 -9.61
C SER A 179 -16.78 -22.64 -10.14
N GLY A 180 -16.63 -21.31 -10.05
CA GLY A 180 -15.48 -20.63 -10.61
C GLY A 180 -14.41 -20.26 -9.59
N LYS A 181 -13.77 -19.12 -9.84
CA LYS A 181 -12.69 -18.65 -8.97
C LYS A 181 -13.06 -17.29 -8.39
N THR A 182 -12.91 -17.18 -7.07
CA THR A 182 -13.36 -16.00 -6.34
C THR A 182 -12.20 -15.28 -5.68
N VAL A 183 -12.17 -13.96 -5.80
CA VAL A 183 -11.29 -13.13 -4.98
C VAL A 183 -12.15 -12.46 -3.89
N TRP A 184 -11.80 -12.69 -2.64
CA TRP A 184 -12.59 -12.23 -1.49
C TRP A 184 -11.77 -11.25 -0.68
N PHE A 185 -12.22 -9.99 -0.64
CA PHE A 185 -11.56 -8.95 0.14
C PHE A 185 -12.09 -8.91 1.57
N VAL A 186 -11.16 -9.07 2.50
CA VAL A 186 -11.45 -9.02 3.93
C VAL A 186 -10.75 -7.81 4.57
N PRO A 187 -11.20 -7.40 5.77
CA PRO A 187 -10.61 -6.21 6.39
C PRO A 187 -9.28 -6.45 7.10
N SER A 188 -8.96 -7.70 7.41
CA SER A 188 -7.73 -7.97 8.13
C SER A 188 -7.22 -9.37 7.86
N VAL A 189 -5.94 -9.57 8.13
CA VAL A 189 -5.34 -10.89 8.05
C VAL A 189 -6.08 -11.90 8.94
N ARG A 190 -6.35 -11.52 10.20
CA ARG A 190 -6.97 -12.47 11.13
C ARG A 190 -8.37 -12.85 10.68
N ASN A 191 -9.12 -11.87 10.18
CA ASN A 191 -10.44 -12.18 9.66
C ASN A 191 -10.36 -13.12 8.45
N GLY A 192 -9.39 -12.86 7.58
CA GLY A 192 -9.15 -13.72 6.44
C GLY A 192 -8.80 -15.15 6.84
N ASN A 193 -8.00 -15.28 7.92
CA ASN A 193 -7.66 -16.59 8.46
C ASN A 193 -8.90 -17.41 8.82
N GLU A 194 -9.87 -16.77 9.46
CA GLU A 194 -11.06 -17.50 9.89
C GLU A 194 -11.91 -17.90 8.69
N ILE A 195 -12.05 -16.99 7.73
CA ILE A 195 -12.83 -17.28 6.54
C ILE A 195 -12.15 -18.38 5.71
N ALA A 196 -10.81 -18.31 5.59
CA ALA A 196 -10.05 -19.32 4.87
C ALA A 196 -10.22 -20.69 5.49
N ALA A 197 -10.17 -20.75 6.81
CA ALA A 197 -10.27 -22.03 7.52
C ALA A 197 -11.64 -22.65 7.27
N CYS A 198 -12.66 -21.80 7.24
CA CYS A 198 -14.03 -22.27 7.04
C CYS A 198 -14.16 -22.85 5.63
N LEU A 199 -13.63 -22.12 4.65
CA LEU A 199 -13.69 -22.55 3.26
C LEU A 199 -12.91 -23.86 3.03
N THR A 200 -11.75 -23.96 3.64
CA THR A 200 -10.90 -25.15 3.52
C THR A 200 -11.63 -26.37 4.07
N LYS A 201 -12.33 -26.17 5.18
CA LYS A 201 -13.09 -27.25 5.80
C LYS A 201 -14.22 -27.68 4.87
N ALA A 202 -14.74 -26.72 4.09
CA ALA A 202 -15.80 -27.01 3.12
C ALA A 202 -15.24 -27.58 1.81
N GLY A 203 -13.95 -27.87 1.79
CA GLY A 203 -13.33 -28.54 0.66
C GLY A 203 -12.76 -27.62 -0.41
N LYS A 204 -12.65 -26.34 -0.09
CA LYS A 204 -12.13 -25.39 -1.07
C LYS A 204 -10.62 -25.23 -0.93
N ARG A 205 -9.97 -24.90 -2.04
CA ARG A 205 -8.54 -24.60 -2.07
C ARG A 205 -8.37 -23.10 -1.98
N VAL A 206 -7.69 -22.65 -0.92
CA VAL A 206 -7.65 -21.23 -0.60
C VAL A 206 -6.22 -20.72 -0.53
N ILE A 207 -5.97 -19.59 -1.18
CA ILE A 207 -4.71 -18.85 -1.06
C ILE A 207 -4.98 -17.55 -0.30
N GLN A 208 -4.15 -17.22 0.68
CA GLN A 208 -4.30 -15.98 1.44
C GLN A 208 -3.19 -14.98 1.10
N LEU A 209 -3.57 -13.72 0.86
CA LEU A 209 -2.64 -12.63 0.56
C LEU A 209 -2.77 -11.48 1.53
N SER A 210 -1.62 -10.93 1.93
CA SER A 210 -1.60 -9.68 2.70
C SER A 210 -0.30 -8.99 2.32
N ARG A 211 -0.06 -7.80 2.86
CA ARG A 211 1.08 -7.00 2.40
C ARG A 211 2.43 -7.72 2.54
N LYS A 212 2.68 -8.35 3.68
CA LYS A 212 4.00 -8.95 3.89
C LYS A 212 4.17 -10.33 3.24
N THR A 213 3.07 -10.95 2.81
CA THR A 213 3.17 -12.26 2.16
C THR A 213 2.90 -12.19 0.66
N PHE A 214 2.55 -11.01 0.16
CA PHE A 214 2.05 -10.86 -1.19
C PHE A 214 2.98 -11.44 -2.28
N GLU A 215 4.28 -11.21 -2.22
CA GLU A 215 5.17 -11.70 -3.28
C GLU A 215 5.24 -13.22 -3.40
N THR A 216 5.48 -13.91 -2.29
CA THR A 216 5.53 -15.36 -2.31
C THR A 216 4.17 -15.96 -2.65
N GLU A 217 3.12 -15.47 -2.00
CA GLU A 217 1.84 -16.13 -2.14
C GLU A 217 1.17 -15.77 -3.45
N PHE A 218 1.46 -14.59 -4.00
CA PHE A 218 0.80 -14.23 -5.24
C PHE A 218 1.21 -15.19 -6.34
N GLN A 219 2.47 -15.63 -6.34
CA GLN A 219 2.91 -16.58 -7.35
C GLN A 219 2.08 -17.89 -7.27
N LYS A 220 1.56 -18.21 -6.09
CA LYS A 220 0.73 -19.40 -5.97
C LYS A 220 -0.54 -19.29 -6.80
N THR A 221 -1.02 -18.06 -7.04
CA THR A 221 -2.23 -17.90 -7.83
C THR A 221 -2.00 -18.26 -9.27
N LYS A 222 -0.73 -18.28 -9.67
CA LYS A 222 -0.34 -18.73 -11.00
C LYS A 222 0.03 -20.23 -11.01
N ASN A 223 0.74 -20.68 -9.97
CA ASN A 223 1.37 -22.00 -9.98
C ASN A 223 0.54 -23.14 -9.40
N GLN A 224 -0.53 -22.73 -8.74
CA GLN A 224 -1.40 -23.62 -7.99
C GLN A 224 -2.90 -23.50 -8.40
N GLU A 225 -3.60 -24.63 -8.37
CA GLU A 225 -5.06 -24.62 -8.56
C GLU A 225 -5.65 -23.99 -7.31
N TRP A 226 -6.64 -23.11 -7.48
CA TRP A 226 -7.31 -22.51 -6.35
C TRP A 226 -8.76 -22.20 -6.66
N ASP A 227 -9.56 -22.14 -5.60
CA ASP A 227 -10.96 -21.77 -5.69
C ASP A 227 -11.20 -20.35 -5.17
N PHE A 228 -10.48 -19.99 -4.10
CA PHE A 228 -10.62 -18.68 -3.47
C PHE A 228 -9.26 -18.07 -3.19
N VAL A 229 -9.14 -16.79 -3.46
CA VAL A 229 -8.07 -15.96 -2.94
C VAL A 229 -8.71 -15.09 -1.87
N ILE A 230 -8.22 -15.21 -0.65
CA ILE A 230 -8.64 -14.37 0.46
C ILE A 230 -7.56 -13.32 0.63
N THR A 231 -7.93 -12.05 0.44
CA THR A 231 -6.94 -10.99 0.41
C THR A 231 -7.35 -9.73 1.17
N THR A 232 -6.35 -9.06 1.73
CA THR A 232 -6.59 -7.75 2.29
C THR A 232 -6.55 -6.72 1.15
N ASP A 233 -6.58 -5.44 1.50
CA ASP A 233 -6.64 -4.38 0.51
C ASP A 233 -5.41 -4.23 -0.38
N ILE A 234 -4.35 -4.98 -0.10
CA ILE A 234 -3.14 -4.89 -0.93
C ILE A 234 -3.46 -5.27 -2.38
N SER A 235 -4.47 -6.13 -2.59
CA SER A 235 -4.79 -6.52 -3.95
C SER A 235 -5.57 -5.44 -4.72
N GLU A 236 -5.82 -4.29 -4.11
CA GLU A 236 -6.37 -3.13 -4.85
C GLU A 236 -5.34 -2.47 -5.77
N MET A 237 -4.07 -2.86 -5.66
CA MET A 237 -3.04 -2.12 -6.40
C MET A 237 -2.54 -2.89 -7.61
N GLY A 238 -3.40 -3.01 -8.61
CA GLY A 238 -3.01 -3.59 -9.89
C GLY A 238 -2.75 -5.09 -9.89
N ALA A 239 -3.31 -5.80 -8.92
CA ALA A 239 -3.15 -7.25 -8.84
C ALA A 239 -4.08 -7.90 -9.86
N ASN A 240 -3.51 -8.76 -10.69
CA ASN A 240 -4.25 -9.44 -11.75
C ASN A 240 -4.59 -10.88 -11.38
N PHE A 241 -5.87 -11.21 -11.41
CA PHE A 241 -6.35 -12.56 -11.16
C PHE A 241 -7.16 -13.05 -12.35
N LYS A 242 -7.10 -14.33 -12.64
CA LYS A 242 -8.04 -14.90 -13.58
C LYS A 242 -9.22 -15.43 -12.77
N ALA A 243 -10.08 -14.50 -12.35
CA ALA A 243 -11.23 -14.84 -11.51
C ALA A 243 -12.52 -14.48 -12.20
N ASP A 244 -13.62 -15.07 -11.72
CA ASP A 244 -14.93 -14.76 -12.30
C ASP A 244 -15.86 -14.12 -11.25
N ARG A 245 -15.39 -13.98 -10.02
CA ARG A 245 -16.21 -13.39 -8.99
C ARG A 245 -15.35 -12.67 -7.98
N VAL A 246 -15.83 -11.52 -7.52
CA VAL A 246 -15.29 -10.86 -6.35
C VAL A 246 -16.35 -10.83 -5.27
N ILE A 247 -15.99 -11.32 -4.08
CA ILE A 247 -16.78 -11.11 -2.87
C ILE A 247 -16.10 -9.99 -2.09
N ASP A 248 -16.84 -8.93 -1.80
CA ASP A 248 -16.25 -7.78 -1.16
C ASP A 248 -16.97 -7.53 0.15
N SER A 249 -16.32 -7.78 1.27
CA SER A 249 -16.86 -7.39 2.57
C SER A 249 -17.26 -5.91 2.64
N ARG A 250 -16.62 -5.09 1.78
CA ARG A 250 -16.72 -3.63 1.83
C ARG A 250 -16.22 -3.08 3.17
N ARG A 251 -15.35 -3.84 3.84
CA ARG A 251 -14.82 -3.45 5.14
C ARG A 251 -13.31 -3.33 5.13
N CYS A 252 -12.81 -2.47 6.01
CA CYS A 252 -11.37 -2.26 6.20
C CYS A 252 -11.13 -1.88 7.63
N LEU A 253 -9.88 -1.97 8.06
CA LEU A 253 -9.46 -1.41 9.34
C LEU A 253 -8.84 -0.06 9.08
N LYS A 254 -9.05 0.86 10.02
CA LYS A 254 -8.54 2.21 9.93
C LYS A 254 -7.60 2.49 11.10
N PRO A 255 -6.30 2.67 10.83
CA PRO A 255 -5.42 3.07 11.93
C PRO A 255 -5.76 4.50 12.32
N VAL A 256 -5.96 4.72 13.61
CA VAL A 256 -6.37 6.01 14.12
C VAL A 256 -5.45 6.39 15.26
N ILE A 257 -4.94 7.61 15.22
CA ILE A 257 -4.13 8.11 16.32
C ILE A 257 -5.04 8.73 17.38
N LEU A 258 -5.01 8.18 18.59
CA LEU A 258 -5.79 8.71 19.71
C LEU A 258 -4.95 9.60 20.61
N ASP A 259 -5.35 10.87 20.74
CA ASP A 259 -4.69 11.81 21.66
C ASP A 259 -3.20 11.97 21.39
N GLY A 260 -2.81 11.84 20.13
CA GLY A 260 -1.41 11.87 19.75
C GLY A 260 -0.51 10.92 20.51
N GLU A 261 -1.09 9.93 21.20
CA GLU A 261 -0.28 9.10 22.08
C GLU A 261 -0.33 7.59 21.82
N ARG A 262 -1.31 7.12 21.04
CA ARG A 262 -1.37 5.71 20.66
C ARG A 262 -2.07 5.54 19.33
N VAL A 263 -1.82 4.41 18.67
CA VAL A 263 -2.52 4.09 17.43
C VAL A 263 -3.39 2.87 17.63
N ILE A 264 -4.66 2.98 17.32
CA ILE A 264 -5.57 1.84 17.38
C ILE A 264 -5.97 1.44 15.97
N LEU A 265 -6.43 0.22 15.80
CA LEU A 265 -6.98 -0.19 14.53
C LEU A 265 -8.50 -0.17 14.66
N ALA A 266 -9.12 0.89 14.17
CA ALA A 266 -10.55 1.09 14.35
C ALA A 266 -11.34 0.32 13.30
N GLY A 267 -12.54 -0.10 13.69
CA GLY A 267 -13.40 -0.81 12.77
C GLY A 267 -13.53 -2.30 13.10
N PRO A 268 -13.77 -3.15 12.09
CA PRO A 268 -13.87 -2.82 10.66
C PRO A 268 -14.97 -1.83 10.32
N MET A 269 -14.75 -1.07 9.27
CA MET A 269 -15.65 0.00 8.90
C MET A 269 -15.67 0.10 7.38
N PRO A 270 -16.58 0.91 6.82
CA PRO A 270 -16.68 0.93 5.36
C PRO A 270 -15.42 1.35 4.63
N VAL A 271 -15.23 0.74 3.47
CA VAL A 271 -14.20 1.19 2.55
C VAL A 271 -14.57 2.48 1.83
N THR A 272 -13.58 3.17 1.28
CA THR A 272 -13.84 4.29 0.40
C THR A 272 -14.43 3.83 -0.92
N HIS A 273 -15.06 4.76 -1.65
CA HIS A 273 -15.55 4.44 -2.99
C HIS A 273 -14.41 3.97 -3.89
N ALA A 274 -13.25 4.61 -3.76
CA ALA A 274 -12.07 4.23 -4.56
C ALA A 274 -11.68 2.77 -4.30
N SER A 275 -11.61 2.40 -3.02
CA SER A 275 -11.26 1.04 -2.66
C SER A 275 -12.29 0.06 -3.21
N ALA A 276 -13.58 0.37 -3.02
CA ALA A 276 -14.64 -0.49 -3.52
C ALA A 276 -14.53 -0.66 -5.05
N ALA A 277 -14.26 0.43 -5.76
CA ALA A 277 -14.15 0.36 -7.22
C ALA A 277 -12.95 -0.46 -7.64
N GLN A 278 -11.85 -0.35 -6.92
CA GLN A 278 -10.67 -1.16 -7.23
C GLN A 278 -10.89 -2.64 -6.93
N ARG A 279 -11.57 -2.94 -5.84
CA ARG A 279 -11.87 -4.32 -5.50
C ARG A 279 -12.74 -4.96 -6.58
N ARG A 280 -13.84 -4.28 -6.89
CA ARG A 280 -14.70 -4.71 -7.98
C ARG A 280 -13.92 -4.82 -9.29
N GLY A 281 -12.96 -3.92 -9.46
CA GLY A 281 -12.18 -3.81 -10.69
C GLY A 281 -11.30 -5.02 -10.98
N ARG A 282 -11.18 -5.94 -10.03
CA ARG A 282 -10.43 -7.18 -10.25
C ARG A 282 -11.13 -8.07 -11.27
N ILE A 283 -12.43 -7.89 -11.46
CA ILE A 283 -13.14 -8.69 -12.47
C ILE A 283 -13.82 -7.79 -13.51
N GLY A 284 -14.51 -8.40 -14.48
CA GLY A 284 -15.06 -7.66 -15.61
C GLY A 284 -13.99 -7.13 -16.57
N ARG A 285 -12.80 -7.72 -16.51
CA ARG A 285 -11.65 -7.21 -17.25
C ARG A 285 -11.51 -7.80 -18.65
N ASN A 286 -12.25 -8.87 -18.92
CA ASN A 286 -12.17 -9.56 -20.21
C ASN A 286 -13.36 -9.20 -21.07
N PRO A 287 -13.12 -8.52 -22.21
CA PRO A 287 -14.28 -8.08 -22.98
C PRO A 287 -15.05 -9.25 -23.60
N ASN A 288 -14.42 -10.42 -23.66
CA ASN A 288 -15.07 -11.63 -24.16
C ASN A 288 -15.73 -12.47 -23.08
N LYS A 289 -15.80 -11.93 -21.87
CA LYS A 289 -16.37 -12.71 -20.79
C LYS A 289 -17.26 -11.86 -19.89
N PRO A 290 -18.46 -11.54 -20.39
CA PRO A 290 -19.45 -10.81 -19.61
C PRO A 290 -20.02 -11.65 -18.48
N GLY A 291 -20.48 -11.00 -17.43
CA GLY A 291 -21.19 -11.71 -16.38
C GLY A 291 -20.35 -12.08 -15.18
N ASP A 292 -19.13 -11.58 -15.10
CA ASP A 292 -18.37 -11.71 -13.86
C ASP A 292 -19.23 -11.09 -12.76
N GLU A 293 -19.10 -11.61 -11.55
CA GLU A 293 -19.98 -11.25 -10.48
C GLU A 293 -19.25 -10.44 -9.40
N TYR A 294 -19.90 -9.42 -8.86
CA TYR A 294 -19.40 -8.63 -7.73
C TYR A 294 -20.42 -8.62 -6.60
N MET A 295 -20.15 -9.33 -5.50
CA MET A 295 -21.05 -9.36 -4.36
C MET A 295 -20.47 -8.46 -3.31
N TYR A 296 -21.27 -7.53 -2.82
CA TYR A 296 -20.75 -6.60 -1.84
C TYR A 296 -21.63 -6.51 -0.61
N GLY A 297 -20.96 -6.43 0.53
CA GLY A 297 -21.60 -6.62 1.83
C GLY A 297 -21.78 -5.38 2.70
N GLY A 298 -21.72 -4.21 2.09
CA GLY A 298 -21.93 -2.98 2.84
C GLY A 298 -21.75 -1.76 1.95
N GLY A 299 -22.00 -0.58 2.50
CA GLY A 299 -21.82 0.65 1.76
C GLY A 299 -20.41 1.21 1.87
N CYS A 300 -20.16 2.30 1.15
CA CYS A 300 -18.89 3.02 1.23
C CYS A 300 -19.01 4.26 2.10
N ALA A 301 -17.86 4.73 2.57
CA ALA A 301 -17.80 5.99 3.32
C ALA A 301 -16.41 6.56 3.20
N GLU A 302 -16.25 7.84 3.53
CA GLU A 302 -14.94 8.47 3.37
C GLU A 302 -14.04 8.20 4.57
N THR A 303 -13.58 6.95 4.69
CA THR A 303 -12.85 6.54 5.89
C THR A 303 -11.35 6.81 5.79
N ASP A 304 -10.94 7.51 4.73
CA ASP A 304 -9.58 8.02 4.65
C ASP A 304 -9.44 9.29 5.49
N GLU A 305 -10.56 9.92 5.82
CA GLU A 305 -10.53 11.12 6.67
C GLU A 305 -10.10 10.76 8.07
N GLY A 306 -8.98 11.33 8.52
CA GLY A 306 -8.50 11.05 9.87
C GLY A 306 -7.72 9.74 9.97
N HIS A 307 -7.48 9.13 8.83
CA HIS A 307 -6.75 7.87 8.72
C HIS A 307 -5.26 8.14 8.96
N ALA A 308 -4.63 7.35 9.83
CA ALA A 308 -3.23 7.58 10.22
C ALA A 308 -2.26 7.68 9.03
N HIS A 309 -2.56 7.01 7.91
CA HIS A 309 -1.59 7.04 6.81
C HIS A 309 -1.29 8.44 6.29
N TRP A 310 -2.27 9.35 6.35
CA TRP A 310 -2.02 10.69 5.82
C TRP A 310 -1.20 11.54 6.81
N LEU A 311 -1.35 11.26 8.10
CA LEU A 311 -0.48 11.88 9.11
C LEU A 311 0.95 11.32 8.97
N GLU A 312 1.05 10.00 8.81
CA GLU A 312 2.34 9.37 8.59
C GLU A 312 3.02 9.91 7.33
N ALA A 313 2.25 10.17 6.28
CA ALA A 313 2.81 10.78 5.07
C ALA A 313 3.43 12.14 5.36
N ARG A 314 2.77 12.93 6.21
CA ARG A 314 3.34 14.21 6.64
C ARG A 314 4.65 14.03 7.39
N MET A 315 4.72 13.02 8.22
CA MET A 315 5.95 12.73 8.92
C MET A 315 7.07 12.45 7.94
N LEU A 316 6.78 11.71 6.86
CA LEU A 316 7.80 11.41 5.86
C LEU A 316 8.16 12.67 5.10
N LEU A 317 7.15 13.39 4.63
CA LEU A 317 7.38 14.56 3.79
C LEU A 317 8.12 15.68 4.51
N ASP A 318 7.84 15.87 5.81
CA ASP A 318 8.55 16.88 6.62
C ASP A 318 10.05 16.60 6.66
N ASN A 319 10.44 15.37 6.32
CA ASN A 319 11.85 14.96 6.40
C ASN A 319 12.51 14.68 5.06
N ILE A 320 11.94 15.24 3.99
CA ILE A 320 12.51 15.13 2.67
C ILE A 320 12.95 16.51 2.23
N TYR A 321 14.21 16.64 1.86
CA TYR A 321 14.73 17.91 1.41
C TYR A 321 14.12 18.28 0.07
N LEU A 322 13.63 19.51 -0.03
CA LEU A 322 13.08 20.00 -1.26
C LEU A 322 13.94 21.13 -1.81
N GLN A 323 14.05 22.19 -1.01
CA GLN A 323 14.83 23.38 -1.37
C GLN A 323 14.92 24.22 -0.12
N ASP A 324 16.15 24.43 0.36
CA ASP A 324 16.39 25.15 1.60
C ASP A 324 15.48 24.62 2.71
N GLY A 325 14.65 25.47 3.30
CA GLY A 325 13.79 25.05 4.39
C GLY A 325 12.36 24.71 4.00
N LEU A 326 12.07 24.78 2.69
CA LEU A 326 10.72 24.50 2.20
C LEU A 326 10.30 23.06 2.49
N ILE A 327 9.01 22.85 2.64
CA ILE A 327 8.50 21.51 2.88
C ILE A 327 7.36 21.22 1.91
N ALA A 328 7.45 20.07 1.23
CA ALA A 328 6.44 19.73 0.23
C ALA A 328 5.08 19.51 0.89
N SER A 329 4.04 19.95 0.21
CA SER A 329 2.69 19.72 0.71
C SER A 329 2.14 18.44 0.10
N LEU A 330 1.14 17.85 0.76
CA LEU A 330 0.46 16.73 0.15
C LEU A 330 -0.21 17.14 -1.13
N TYR A 331 -0.40 16.17 -2.02
CA TYR A 331 -1.14 16.36 -3.25
C TYR A 331 -2.51 16.94 -2.90
N ARG A 332 -2.86 18.06 -3.54
CA ARG A 332 -4.00 18.87 -3.11
C ARG A 332 -5.31 18.10 -2.79
N PRO A 333 -5.76 17.20 -3.69
CA PRO A 333 -7.02 16.51 -3.40
C PRO A 333 -7.00 15.62 -2.16
N GLU A 334 -5.84 15.30 -1.61
CA GLU A 334 -5.86 14.47 -0.40
C GLU A 334 -5.25 15.20 0.80
N ALA A 335 -5.07 16.51 0.69
CA ALA A 335 -4.44 17.29 1.76
C ALA A 335 -5.33 17.55 3.02
N ASP A 336 -6.65 17.43 2.91
CA ASP A 336 -7.57 17.49 4.07
C ASP A 336 -7.61 16.32 4.98
N LYS A 337 -7.09 15.21 4.51
CA LYS A 337 -7.34 13.96 5.17
C LYS A 337 -6.61 13.90 6.50
N VAL A 338 -5.81 14.92 6.76
CA VAL A 338 -5.05 14.99 8.01
C VAL A 338 -5.03 16.42 8.54
N ALA A 339 -5.17 16.56 9.87
CA ALA A 339 -4.96 17.85 10.52
C ALA A 339 -3.55 17.88 11.10
N ALA A 340 -2.66 18.62 10.44
CA ALA A 340 -1.30 18.69 10.90
C ALA A 340 -0.69 20.02 10.53
N ILE A 341 0.31 20.42 11.30
CA ILE A 341 1.03 21.63 11.01
C ILE A 341 2.23 21.28 10.15
N GLU A 342 2.32 21.88 8.97
CA GLU A 342 3.39 21.56 8.03
C GLU A 342 4.74 21.84 8.70
N GLY A 343 5.65 20.87 8.62
CA GLY A 343 6.97 21.01 9.22
C GLY A 343 7.08 20.54 10.66
N GLU A 344 5.95 20.27 11.30
CA GLU A 344 5.95 19.91 12.71
C GLU A 344 6.70 18.59 13.01
N PHE A 345 6.91 17.75 12.00
CA PHE A 345 7.62 16.49 12.22
C PHE A 345 9.05 16.50 11.66
N LYS A 346 9.54 17.67 11.24
CA LYS A 346 10.90 17.75 10.73
C LYS A 346 11.91 17.39 11.82
N LEU A 347 12.77 16.44 11.52
CA LEU A 347 13.84 16.03 12.43
C LEU A 347 15.20 16.51 11.96
N ARG A 348 16.10 16.73 12.92
CA ARG A 348 17.50 17.03 12.60
C ARG A 348 18.22 15.79 12.04
N THR A 349 19.42 15.96 11.50
CA THR A 349 20.09 14.92 10.73
C THR A 349 20.18 13.55 11.41
N GLU A 350 20.62 13.53 12.66
CA GLU A 350 20.83 12.25 13.34
C GLU A 350 19.51 11.59 13.71
N GLN A 351 18.54 12.36 14.21
CA GLN A 351 17.25 11.78 14.55
C GLN A 351 16.53 11.29 13.29
N ARG A 352 16.71 12.00 12.17
CA ARG A 352 16.14 11.54 10.91
C ARG A 352 16.74 10.20 10.49
N LYS A 353 18.04 10.02 10.67
CA LYS A 353 18.68 8.73 10.35
C LYS A 353 18.07 7.61 11.18
N THR A 354 17.84 7.89 12.46
CA THR A 354 17.24 6.92 13.39
C THR A 354 15.82 6.59 12.94
N PHE A 355 15.04 7.64 12.68
CA PHE A 355 13.69 7.50 12.12
C PHE A 355 13.67 6.57 10.90
N VAL A 356 14.55 6.84 9.93
CA VAL A 356 14.63 6.01 8.73
C VAL A 356 15.02 4.56 9.06
N GLU A 357 16.02 4.39 9.93
CA GLU A 357 16.44 3.02 10.23
C GLU A 357 15.34 2.23 10.98
N LEU A 358 14.59 2.91 11.84
CA LEU A 358 13.47 2.26 12.56
C LEU A 358 12.37 1.80 11.61
N MET A 359 12.16 2.53 10.52
CA MET A 359 11.17 2.15 9.51
C MET A 359 11.68 1.07 8.57
N LYS A 360 12.95 1.11 8.24
CA LYS A 360 13.50 0.18 7.28
C LYS A 360 13.93 -1.13 7.92
N ARG A 361 15.05 -1.10 8.57
CA ARG A 361 15.51 -2.29 9.25
C ARG A 361 14.59 -2.64 10.42
N GLY A 362 14.14 -1.63 11.14
CA GLY A 362 13.25 -1.87 12.27
C GLY A 362 11.88 -2.39 11.88
N ASP A 363 11.46 -2.05 10.66
CA ASP A 363 10.14 -2.44 10.14
C ASP A 363 9.02 -2.01 11.09
N LEU A 364 9.20 -0.84 11.70
CA LEU A 364 8.17 -0.25 12.56
C LEU A 364 7.25 0.64 11.73
N PRO A 365 5.98 0.74 12.12
CA PRO A 365 5.11 1.72 11.48
C PRO A 365 5.69 3.11 11.59
N VAL A 366 5.41 3.96 10.60
CA VAL A 366 5.96 5.32 10.58
C VAL A 366 5.69 6.06 11.88
N TRP A 367 4.44 6.03 12.32
CA TRP A 367 4.07 6.79 13.52
C TRP A 367 4.93 6.37 14.71
N LEU A 368 5.10 5.07 14.89
CA LEU A 368 5.85 4.54 16.02
C LEU A 368 7.34 4.90 15.90
N ALA A 369 7.90 4.68 14.71
CA ALA A 369 9.28 5.08 14.42
C ALA A 369 9.49 6.54 14.78
N TYR A 370 8.53 7.40 14.44
CA TYR A 370 8.68 8.82 14.76
C TYR A 370 8.70 9.08 16.27
N GLN A 371 7.82 8.43 17.02
CA GLN A 371 7.80 8.64 18.47
C GLN A 371 9.16 8.31 19.06
N VAL A 372 9.72 7.19 18.64
CA VAL A 372 11.00 6.75 19.18
C VAL A 372 12.13 7.70 18.78
N ALA A 373 12.23 8.04 17.51
CA ALA A 373 13.32 8.89 17.03
C ALA A 373 13.23 10.29 17.64
N SER A 374 12.02 10.82 17.73
CA SER A 374 11.87 12.21 18.21
C SER A 374 12.11 12.31 19.71
N ALA A 375 12.03 11.17 20.40
CA ALA A 375 12.34 11.10 21.83
C ALA A 375 13.84 11.09 22.09
N GLY A 376 14.64 10.96 21.04
CA GLY A 376 16.08 11.00 21.17
C GLY A 376 16.69 9.64 21.42
N ILE A 377 15.89 8.59 21.22
CA ILE A 377 16.34 7.21 21.42
C ILE A 377 17.10 6.73 20.19
N THR A 378 18.22 6.04 20.38
CA THR A 378 18.97 5.52 19.25
C THR A 378 18.39 4.19 18.78
N TYR A 379 18.69 3.81 17.54
CA TYR A 379 18.02 2.68 16.90
C TYR A 379 18.09 1.39 17.73
N THR A 380 19.25 1.12 18.32
CA THR A 380 19.49 -0.16 19.00
C THR A 380 19.07 -0.18 20.47
N ASP A 381 18.59 0.95 20.97
CA ASP A 381 18.19 1.09 22.37
C ASP A 381 16.74 0.66 22.50
N ARG A 382 16.50 -0.53 23.04
CA ARG A 382 15.14 -1.08 23.07
C ARG A 382 14.47 -1.01 24.44
N ARG A 383 15.02 -0.19 25.32
CA ARG A 383 14.45 -0.09 26.66
C ARG A 383 12.98 0.35 26.62
N TRP A 384 12.63 1.18 25.65
CA TRP A 384 11.25 1.66 25.51
C TRP A 384 10.22 0.57 25.22
N CYS A 385 10.66 -0.60 24.78
CA CYS A 385 9.71 -1.69 24.49
C CYS A 385 9.15 -2.31 25.76
N PHE A 386 9.73 -1.94 26.91
CA PHE A 386 9.39 -2.59 28.16
C PHE A 386 8.93 -1.64 29.27
N ASP A 387 9.03 -0.35 29.07
CA ASP A 387 8.78 0.56 30.18
C ASP A 387 7.50 1.36 30.04
N GLY A 388 6.54 0.82 29.30
CA GLY A 388 5.24 1.48 29.15
C GLY A 388 4.31 1.21 30.32
N THR A 389 3.14 1.81 30.26
CA THR A 389 2.11 1.59 31.28
C THR A 389 1.50 0.19 31.11
N THR A 390 0.86 -0.31 32.16
CA THR A 390 0.25 -1.64 32.14
C THR A 390 -0.76 -1.77 31.02
N ASN A 391 -1.39 -0.64 30.73
CA ASN A 391 -2.40 -0.57 29.69
C ASN A 391 -1.80 -0.87 28.31
N ASN A 392 -0.49 -0.71 28.19
CA ASN A 392 0.19 -0.96 26.91
C ASN A 392 0.73 -2.37 26.79
N THR A 393 0.40 -3.21 27.76
CA THR A 393 0.80 -4.61 27.71
C THR A 393 0.29 -5.27 26.43
N ILE A 394 1.20 -5.88 25.69
CA ILE A 394 0.81 -6.65 24.52
C ILE A 394 0.53 -8.10 24.89
N MET A 395 -0.59 -8.61 24.39
CA MET A 395 -1.09 -9.93 24.74
C MET A 395 -0.90 -10.94 23.61
N GLU A 396 -0.58 -12.17 23.98
CA GLU A 396 -0.43 -13.27 23.03
C GLU A 396 -1.11 -14.50 23.60
N ASP A 397 -2.15 -14.99 22.92
CA ASP A 397 -2.99 -16.06 23.46
C ASP A 397 -3.47 -15.78 24.88
N SER A 398 -4.04 -14.60 25.07
CA SER A 398 -4.69 -14.22 26.34
C SER A 398 -3.75 -14.06 27.53
N VAL A 399 -2.45 -14.10 27.29
CA VAL A 399 -1.42 -13.95 28.33
C VAL A 399 -0.43 -12.88 27.84
N PRO A 400 0.07 -12.04 28.76
CA PRO A 400 1.02 -11.01 28.30
C PRO A 400 2.20 -11.61 27.54
N ALA A 401 2.55 -11.02 26.40
CA ALA A 401 3.67 -11.49 25.59
C ALA A 401 4.98 -11.19 26.30
N GLU A 402 5.93 -12.11 26.16
CA GLU A 402 7.22 -11.97 26.82
C GLU A 402 8.35 -12.26 25.85
N VAL A 403 9.48 -11.59 26.05
CA VAL A 403 10.69 -11.91 25.31
C VAL A 403 11.88 -11.89 26.25
N TRP A 404 12.97 -12.49 25.81
CA TRP A 404 14.24 -12.29 26.49
C TRP A 404 14.89 -11.05 25.90
N THR A 405 15.21 -10.08 26.74
CA THR A 405 15.91 -8.89 26.26
C THR A 405 17.32 -9.24 25.80
N LYS A 406 17.98 -8.28 25.17
CA LYS A 406 19.35 -8.54 24.75
C LYS A 406 20.28 -8.73 25.95
N TYR A 407 19.81 -8.34 27.14
CA TYR A 407 20.56 -8.57 28.38
C TYR A 407 20.36 -9.97 28.95
N GLY A 408 19.42 -10.72 28.39
CA GLY A 408 19.11 -12.06 28.86
C GLY A 408 18.01 -12.13 29.91
N GLU A 409 17.27 -11.05 30.08
CA GLU A 409 16.21 -10.99 31.08
C GLU A 409 14.84 -11.22 30.42
N LYS A 410 14.03 -12.11 30.98
CA LYS A 410 12.68 -12.31 30.47
C LYS A 410 11.78 -11.17 30.96
N ARG A 411 11.18 -10.44 30.03
CA ARG A 411 10.35 -9.26 30.36
C ARG A 411 9.07 -9.24 29.56
N VAL A 412 8.01 -8.71 30.17
CA VAL A 412 6.75 -8.51 29.49
C VAL A 412 6.87 -7.37 28.47
N LEU A 413 6.34 -7.61 27.28
CA LEU A 413 6.27 -6.58 26.25
C LEU A 413 5.27 -5.49 26.65
N LYS A 414 5.78 -4.31 26.96
CA LYS A 414 4.98 -3.17 27.39
C LYS A 414 5.53 -1.90 26.77
N PRO A 415 5.30 -1.69 25.47
CA PRO A 415 5.99 -0.57 24.84
C PRO A 415 5.53 0.80 25.33
N ARG A 416 6.47 1.74 25.39
CA ARG A 416 6.18 3.09 25.87
C ARG A 416 5.11 3.78 25.02
N TRP A 417 5.17 3.54 23.72
CA TRP A 417 4.15 3.96 22.76
C TRP A 417 3.50 2.72 22.19
N MET A 418 2.18 2.66 22.21
CA MET A 418 1.45 1.53 21.69
C MET A 418 0.88 1.80 20.30
N ASP A 419 1.32 1.03 19.32
CA ASP A 419 0.79 1.08 17.97
C ASP A 419 0.22 -0.30 17.66
N ALA A 420 -1.09 -0.39 17.52
CA ALA A 420 -1.77 -1.68 17.34
C ALA A 420 -1.27 -2.49 16.16
N ARG A 421 -0.63 -1.84 15.21
CA ARG A 421 -0.17 -2.55 14.03
C ARG A 421 1.02 -3.48 14.31
N VAL A 422 1.69 -3.30 15.44
CA VAL A 422 2.81 -4.20 15.74
C VAL A 422 2.35 -5.53 16.31
N CYS A 423 1.05 -5.69 16.55
CA CYS A 423 0.59 -6.97 17.09
C CYS A 423 -0.80 -7.36 16.59
N SER A 424 -1.16 -6.88 15.40
CA SER A 424 -2.51 -7.13 14.85
C SER A 424 -2.68 -8.54 14.27
N ASP A 425 -1.59 -9.25 14.05
CA ASP A 425 -1.66 -10.66 13.69
C ASP A 425 -0.40 -11.36 14.18
N HIS A 426 -0.36 -12.68 14.07
CA HIS A 426 0.75 -13.46 14.59
C HIS A 426 2.10 -13.02 14.03
N ALA A 427 2.16 -12.78 12.72
CA ALA A 427 3.40 -12.40 12.06
C ALA A 427 3.90 -11.06 12.55
N ALA A 428 2.98 -10.12 12.78
CA ALA A 428 3.37 -8.79 13.22
C ALA A 428 3.96 -8.86 14.61
N LEU A 429 3.31 -9.60 15.50
CA LEU A 429 3.78 -9.77 16.86
C LEU A 429 5.13 -10.48 16.88
N LYS A 430 5.29 -11.50 16.04
CA LYS A 430 6.55 -12.22 15.97
C LYS A 430 7.68 -11.24 15.64
N SER A 431 7.43 -10.40 14.66
CA SER A 431 8.41 -9.43 14.22
C SER A 431 8.73 -8.41 15.32
N PHE A 432 7.69 -7.93 16.01
CA PHE A 432 7.93 -6.94 17.05
C PHE A 432 8.66 -7.55 18.26
N LYS A 433 8.36 -8.81 18.58
CA LYS A 433 9.09 -9.49 19.65
C LYS A 433 10.58 -9.61 19.32
N GLU A 434 10.88 -9.96 18.07
CA GLU A 434 12.28 -10.00 17.61
C GLU A 434 12.95 -8.62 17.75
N PHE A 435 12.21 -7.57 17.41
CA PHE A 435 12.73 -6.21 17.59
C PHE A 435 13.01 -5.90 19.06
N ALA A 436 12.04 -6.19 19.93
CA ALA A 436 12.20 -5.85 21.32
C ALA A 436 13.35 -6.62 21.96
N ALA A 437 13.63 -7.79 21.41
CA ALA A 437 14.71 -8.64 21.89
C ALA A 437 16.09 -8.22 21.36
N GLY A 438 16.13 -7.24 20.46
CA GLY A 438 17.40 -6.74 19.94
C GLY A 438 17.95 -7.56 18.79
N LYS A 439 17.09 -8.34 18.15
CA LYS A 439 17.55 -9.30 17.15
C LYS A 439 17.65 -8.70 15.76
N ARG A 440 17.24 -7.45 15.66
CA ARG A 440 17.13 -6.71 14.41
C ARG A 440 17.50 -5.24 14.63
PG ANP B . -6.54 -0.91 -13.47
O1G ANP B . -7.39 -1.97 -12.65
O2G ANP B . -7.32 0.44 -13.55
O3G ANP B . -5.24 -0.75 -12.76
PB ANP B . -5.51 -0.91 -16.28
O1B ANP B . -6.30 0.27 -16.93
O2B ANP B . -4.14 -0.44 -15.95
N3B ANP B . -6.33 -1.62 -15.00
PA ANP B . -4.17 -2.95 -17.66
O1A ANP B . -3.24 -2.21 -18.55
O2A ANP B . -3.59 -3.53 -16.37
O3A ANP B . -5.45 -2.05 -17.34
O5' ANP B . -4.78 -4.12 -18.52
C5' ANP B . -5.18 -3.91 -19.89
C4' ANP B . -6.05 -5.10 -20.19
O4' ANP B . -5.20 -6.18 -20.63
C3' ANP B . -6.76 -5.65 -18.97
O3' ANP B . -8.02 -5.00 -18.83
C2' ANP B . -6.96 -7.12 -19.33
O2' ANP B . -8.15 -7.19 -20.12
C1' ANP B . -5.75 -7.41 -20.22
N9 ANP B . -4.69 -8.20 -19.59
C8 ANP B . -4.32 -8.22 -18.28
N7 ANP B . -3.31 -9.03 -18.04
C5 ANP B . -3.00 -9.56 -19.26
C6 ANP B . -2.03 -10.50 -19.69
N6 ANP B . -1.15 -11.07 -18.86
N1 ANP B . -1.98 -10.81 -21.00
C2 ANP B . -2.87 -10.25 -21.83
N3 ANP B . -3.83 -9.36 -21.55
C4 ANP B . -3.84 -9.06 -20.25
MN MN C . -3.24 -0.56 -13.80
#